data_8GSJ
#
_entry.id   8GSJ
#
_cell.length_a   60.400
_cell.length_b   66.480
_cell.length_c   84.170
_cell.angle_alpha   90.000
_cell.angle_beta   90.000
_cell.angle_gamma   90.000
#
_symmetry.space_group_name_H-M   'P 21 21 21'
#
loop_
_entity.id
_entity.type
_entity.pdbx_description
1 polymer 'Adenomatous polyposis coli protein'
2 non-polymer 2-methylsulfanylpyrimidine-4-carbaldehyde
3 non-polymer 'GLUTAMIC ACID'
4 non-polymer BETA-(2-NAPHTHYL)-ALANINE
5 non-polymer LEUCINE
6 non-polymer (1R,2S)-2-phenylcyclopropanamine
7 non-polymer GLYCEROL
8 non-polymer 'SULFATE ION'
9 water water
#
_entity_poly.entity_id   1
_entity_poly.type   'polypeptide(L)'
_entity_poly.pdbx_seq_one_letter_code
;HHHMLHLLEQIRAYCETCWEWQEAHEPGMDQDKNPMPAPVEHQICPAVCVLMKLSFDEEHRHAMNELGGLQAIAELLQVD
CEMYGLTNDHYSITLRRYAGMALTNLTFGDVANKATLCSMKGCMRALVAQLKSESEDLQQVIASVLRNLSWRADVNSKKT
LREVGSVKALMECALEVKKESTLKSVLSALWNLSAHCTENKADICAVDGALAFLVGTLTYRSQTNTLAIIESGGGILRNV
SSLIATNEDHRQILRENNCLQTLLQHLKSHSLTIVSNACGTLWNLSARNPKDQEALWDMGAVSMLKNLIHSKHKMIAMGS
AAALRNLMANRPAKYK
;
_entity_poly.pdbx_strand_id   A
#
# COMPACT_ATOMS: atom_id res chain seq x y z
N HIS A 1 -18.56 -21.43 19.30
CA HIS A 1 -19.45 -20.30 18.90
C HIS A 1 -20.42 -20.70 17.78
N HIS A 2 -21.69 -20.90 18.16
CA HIS A 2 -22.81 -20.95 17.21
C HIS A 2 -23.41 -19.56 17.00
N HIS A 3 -23.07 -18.63 17.91
CA HIS A 3 -23.33 -17.21 17.70
C HIS A 3 -22.66 -16.73 16.42
N MET A 4 -21.48 -17.26 16.14
CA MET A 4 -20.72 -16.93 14.93
C MET A 4 -21.38 -17.47 13.67
N LEU A 5 -21.83 -18.74 13.72
CA LEU A 5 -22.66 -19.28 12.63
C LEU A 5 -23.92 -18.43 12.39
N HIS A 6 -24.62 -18.08 13.47
CA HIS A 6 -25.80 -17.20 13.38
C HIS A 6 -25.48 -15.85 12.74
N LEU A 7 -24.36 -15.24 13.11
CA LEU A 7 -23.93 -13.95 12.52
C LEU A 7 -23.60 -14.07 11.04
N LEU A 8 -22.89 -15.14 10.68
CA LEU A 8 -22.55 -15.39 9.27
C LEU A 8 -23.79 -15.72 8.43
N GLU A 9 -24.73 -16.49 8.98
CA GLU A 9 -26.00 -16.78 8.29
C GLU A 9 -26.77 -15.48 8.02
N GLN A 10 -26.81 -14.61 9.03
CA GLN A 10 -27.40 -13.25 8.85
C GLN A 10 -26.80 -12.52 7.65
N ILE A 11 -25.47 -12.49 7.57
CA ILE A 11 -24.78 -11.79 6.47
C ILE A 11 -25.01 -12.48 5.11
N ARG A 12 -24.89 -13.80 5.07
CA ARG A 12 -25.18 -14.60 3.86
C ARG A 12 -26.62 -14.42 3.39
N ALA A 13 -27.57 -14.43 4.33
CA ALA A 13 -28.98 -14.18 4.01
C ALA A 13 -29.17 -12.82 3.37
N TYR A 14 -28.54 -11.80 3.94
CA TYR A 14 -28.60 -10.47 3.34
C TYR A 14 -27.93 -10.44 1.95
N CYS A 15 -26.76 -11.05 1.82
CA CYS A 15 -26.07 -11.13 0.53
C CYS A 15 -26.90 -11.88 -0.51
N GLU A 16 -27.52 -13.00 -0.10
CA GLU A 16 -28.51 -13.72 -0.93
C GLU A 16 -29.60 -12.79 -1.44
N THR A 17 -30.15 -11.98 -0.54
CA THR A 17 -31.17 -10.96 -0.88
C THR A 17 -30.64 -9.92 -1.88
N CYS A 18 -29.39 -9.53 -1.71
CA CYS A 18 -28.75 -8.58 -2.60
C CYS A 18 -28.43 -9.18 -3.98
N TRP A 19 -27.99 -10.45 -4.02
CA TRP A 19 -27.67 -11.16 -5.28
C TRP A 19 -28.91 -11.51 -6.10
N GLU A 20 -30.06 -11.62 -5.43
CA GLU A 20 -31.35 -11.73 -6.12
C GLU A 20 -31.65 -10.45 -6.88
N TRP A 21 -31.63 -9.33 -6.16
CA TRP A 21 -31.83 -8.00 -6.76
C TRP A 21 -30.80 -7.75 -7.85
N GLN A 22 -29.52 -8.01 -7.54
CA GLN A 22 -28.42 -7.79 -8.49
C GLN A 22 -28.54 -8.61 -9.78
N GLU A 23 -28.95 -9.88 -9.66
CA GLU A 23 -29.15 -10.73 -10.85
C GLU A 23 -30.29 -10.24 -11.74
N ALA A 24 -31.26 -9.52 -11.16
CA ALA A 24 -32.30 -8.81 -11.93
C ALA A 24 -31.94 -7.34 -12.27
N HIS A 25 -30.76 -6.88 -11.87
CA HIS A 25 -30.30 -5.50 -12.13
C HIS A 25 -28.84 -5.46 -12.56
N GLU A 26 -28.49 -6.32 -13.52
CA GLU A 26 -27.17 -6.33 -14.15
C GLU A 26 -27.07 -5.08 -15.04
N PRO A 27 -25.83 -4.69 -15.45
CA PRO A 27 -25.67 -3.48 -16.28
C PRO A 27 -26.57 -3.41 -17.52
N GLY A 28 -26.73 -4.53 -18.22
CA GLY A 28 -27.56 -4.60 -19.42
C GLY A 28 -29.07 -4.49 -19.20
N MET A 29 -29.56 -4.92 -18.04
CA MET A 29 -31.00 -5.00 -17.75
C MET A 29 -31.47 -3.65 -17.20
N ASP A 30 -31.27 -2.62 -18.02
CA ASP A 30 -30.94 -1.27 -17.54
C ASP A 30 -32.04 -0.49 -16.80
N GLN A 31 -33.30 -0.95 -16.84
CA GLN A 31 -34.35 -0.31 -16.03
C GLN A 31 -34.34 -0.86 -14.60
N ASP A 32 -34.34 0.05 -13.61
CA ASP A 32 -34.15 -0.30 -12.20
C ASP A 32 -35.47 -0.54 -11.45
N LYS A 33 -35.33 -0.99 -10.20
CA LYS A 33 -36.46 -1.28 -9.31
C LYS A 33 -36.21 -0.60 -7.97
N ASN A 34 -37.25 0.08 -7.46
CA ASN A 34 -37.14 0.90 -6.25
C ASN A 34 -36.88 0.10 -4.97
N PRO A 35 -37.54 -1.07 -4.80
CA PRO A 35 -37.10 -1.93 -3.69
C PRO A 35 -35.73 -2.56 -3.94
N MET A 36 -34.67 -1.81 -3.58
CA MET A 36 -33.33 -2.36 -3.47
C MET A 36 -33.03 -2.49 -1.96
N PRO A 37 -32.56 -3.67 -1.51
CA PRO A 37 -32.37 -3.87 -0.07
C PRO A 37 -31.33 -2.93 0.53
N ALA A 38 -31.67 -2.31 1.66
CA ALA A 38 -30.73 -1.48 2.40
C ALA A 38 -30.26 -2.28 3.61
N PRO A 39 -28.93 -2.27 3.90
CA PRO A 39 -28.42 -3.05 5.01
C PRO A 39 -28.89 -2.55 6.40
N VAL A 40 -29.21 -1.26 6.50
CA VAL A 40 -29.82 -0.70 7.74
C VAL A 40 -31.10 -1.42 8.18
N GLU A 41 -31.90 -1.85 7.22
CA GLU A 41 -33.18 -2.52 7.48
C GLU A 41 -33.07 -4.04 7.66
N HIS A 42 -31.85 -4.58 7.63
CA HIS A 42 -31.57 -5.96 8.02
C HIS A 42 -30.59 -6.06 9.21
N GLN A 43 -30.35 -4.93 9.90
CA GLN A 43 -29.49 -4.86 11.10
C GLN A 43 -28.08 -5.39 10.85
N ILE A 44 -27.52 -5.02 9.71
CA ILE A 44 -26.32 -5.69 9.22
C ILE A 44 -25.05 -5.18 9.89
N CYS A 45 -24.94 -3.86 10.00
CA CYS A 45 -23.76 -3.25 10.57
C CYS A 45 -23.40 -3.79 11.99
N PRO A 46 -24.39 -4.03 12.89
CA PRO A 46 -24.09 -4.70 14.15
C PRO A 46 -23.53 -6.13 14.03
N ALA A 47 -24.01 -6.88 13.04
CA ALA A 47 -23.51 -8.24 12.78
C ALA A 47 -22.04 -8.23 12.39
N VAL A 48 -21.67 -7.39 11.43
N VAL A 48 -21.69 -7.39 11.41
CA VAL A 48 -20.26 -7.29 11.00
CA VAL A 48 -20.29 -7.25 10.98
C VAL A 48 -19.37 -6.66 12.06
C VAL A 48 -19.42 -6.73 12.10
N CYS A 49 -19.94 -5.77 12.86
CA CYS A 49 -19.23 -5.17 13.99
C CYS A 49 -18.81 -6.24 15.00
N VAL A 50 -19.73 -7.15 15.33
CA VAL A 50 -19.42 -8.27 16.23
C VAL A 50 -18.33 -9.18 15.62
N LEU A 51 -18.49 -9.54 14.34
CA LEU A 51 -17.49 -10.38 13.66
C LEU A 51 -16.11 -9.73 13.59
N MET A 52 -16.08 -8.42 13.35
CA MET A 52 -14.84 -7.63 13.35
C MET A 52 -14.14 -7.69 14.71
N LYS A 53 -14.90 -7.47 15.78
CA LYS A 53 -14.35 -7.54 17.15
C LYS A 53 -13.76 -8.93 17.45
N LEU A 54 -14.52 -9.98 17.13
CA LEU A 54 -14.08 -11.35 17.38
C LEU A 54 -12.91 -11.75 16.48
N SER A 55 -12.77 -11.12 15.31
CA SER A 55 -11.68 -11.42 14.38
C SER A 55 -10.28 -11.00 14.90
N PHE A 56 -10.24 -10.15 15.92
CA PHE A 56 -8.97 -9.83 16.59
C PHE A 56 -8.32 -11.03 17.27
N ASP A 57 -9.10 -11.98 17.76
CA ASP A 57 -8.56 -13.18 18.43
C ASP A 57 -8.38 -14.35 17.48
N GLU A 58 -7.19 -14.98 17.53
CA GLU A 58 -6.85 -16.11 16.67
C GLU A 58 -7.78 -17.30 16.86
N GLU A 59 -8.17 -17.57 18.10
CA GLU A 59 -9.06 -18.70 18.39
C GLU A 59 -10.40 -18.51 17.65
N HIS A 60 -10.95 -17.31 17.67
CA HIS A 60 -12.19 -17.01 16.94
C HIS A 60 -12.03 -17.00 15.42
N ARG A 61 -10.82 -16.71 14.92
CA ARG A 61 -10.55 -16.74 13.49
C ARG A 61 -10.51 -18.16 12.94
N HIS A 62 -9.87 -19.09 13.66
CA HIS A 62 -9.90 -20.52 13.32
C HIS A 62 -11.34 -20.97 13.10
N ALA A 63 -12.22 -20.57 14.03
CA ALA A 63 -13.66 -20.82 13.91
C ALA A 63 -14.27 -20.20 12.66
N MET A 64 -14.09 -18.89 12.49
CA MET A 64 -14.57 -18.15 11.30
C MET A 64 -14.13 -18.76 9.99
N ASN A 65 -12.87 -19.20 9.95
CA ASN A 65 -12.29 -19.75 8.74
C ASN A 65 -12.90 -21.10 8.36
N GLU A 66 -13.29 -21.91 9.34
CA GLU A 66 -13.99 -23.16 9.03
C GLU A 66 -15.36 -22.84 8.43
N LEU A 67 -16.04 -21.86 9.04
CA LEU A 67 -17.40 -21.47 8.67
C LEU A 67 -17.51 -20.55 7.45
N GLY A 68 -16.44 -20.32 6.70
CA GLY A 68 -16.49 -19.45 5.52
C GLY A 68 -16.55 -17.94 5.78
N GLY A 69 -16.08 -17.53 6.97
CA GLY A 69 -16.16 -16.14 7.43
C GLY A 69 -15.55 -15.10 6.52
N LEU A 70 -14.35 -15.38 6.00
CA LEU A 70 -13.70 -14.48 5.04
C LEU A 70 -14.52 -14.28 3.78
N GLN A 71 -15.00 -15.37 3.19
CA GLN A 71 -15.82 -15.29 1.96
C GLN A 71 -17.10 -14.45 2.15
N ALA A 72 -17.77 -14.66 3.28
CA ALA A 72 -19.05 -13.99 3.58
C ALA A 72 -18.90 -12.51 3.80
N ILE A 73 -17.87 -12.12 4.56
CA ILE A 73 -17.61 -10.69 4.85
C ILE A 73 -17.10 -9.94 3.60
N ALA A 74 -16.29 -10.62 2.80
CA ALA A 74 -15.79 -10.08 1.53
C ALA A 74 -16.96 -9.83 0.56
N GLU A 75 -17.78 -10.86 0.34
CA GLU A 75 -19.00 -10.75 -0.48
C GLU A 75 -19.90 -9.61 -0.02
N LEU A 76 -20.10 -9.52 1.30
CA LEU A 76 -20.86 -8.42 1.86
C LEU A 76 -20.27 -7.09 1.46
N LEU A 77 -18.97 -6.91 1.67
CA LEU A 77 -18.31 -5.67 1.28
C LEU A 77 -18.41 -5.42 -0.22
N GLN A 78 -18.18 -6.46 -1.02
CA GLN A 78 -18.27 -6.35 -2.48
C GLN A 78 -19.63 -5.87 -2.90
N VAL A 79 -20.65 -6.59 -2.42
CA VAL A 79 -22.03 -6.39 -2.89
C VAL A 79 -22.56 -5.00 -2.53
N ASP A 80 -22.18 -4.48 -1.36
CA ASP A 80 -22.58 -3.14 -0.93
C ASP A 80 -21.86 -2.04 -1.71
N CYS A 81 -20.58 -2.25 -2.05
CA CYS A 81 -19.83 -1.32 -2.90
C CYS A 81 -20.42 -1.29 -4.33
N GLU A 82 -20.68 -2.47 -4.89
CA GLU A 82 -21.36 -2.60 -6.19
C GLU A 82 -22.74 -1.92 -6.21
N MET A 83 -23.54 -2.16 -5.16
CA MET A 83 -24.92 -1.61 -5.09
C MET A 83 -24.98 -0.11 -4.91
N TYR A 84 -24.19 0.44 -3.99
CA TYR A 84 -24.27 1.86 -3.63
C TYR A 84 -23.08 2.74 -4.07
N GLY A 85 -22.06 2.13 -4.68
CA GLY A 85 -20.92 2.87 -5.22
C GLY A 85 -20.19 3.68 -4.16
N LEU A 86 -19.67 4.85 -4.56
CA LEU A 86 -18.92 5.74 -3.65
C LEU A 86 -19.82 6.71 -2.85
N THR A 87 -20.71 6.14 -2.05
CA THR A 87 -21.67 6.94 -1.27
C THR A 87 -21.00 7.50 -0.01
N ASN A 88 -21.55 8.61 0.49
CA ASN A 88 -21.14 9.19 1.77
C ASN A 88 -22.08 8.77 2.92
N ASP A 89 -23.06 7.91 2.64
CA ASP A 89 -23.98 7.39 3.65
C ASP A 89 -23.19 6.78 4.81
N HIS A 90 -23.28 7.42 5.97
CA HIS A 90 -22.49 7.04 7.14
C HIS A 90 -22.65 5.57 7.55
N TYR A 91 -23.84 5.00 7.35
CA TYR A 91 -24.08 3.59 7.66
C TYR A 91 -23.28 2.67 6.73
N SER A 92 -23.31 2.99 5.43
CA SER A 92 -22.60 2.22 4.41
C SER A 92 -21.06 2.36 4.56
N ILE A 93 -20.60 3.55 4.93
CA ILE A 93 -19.19 3.78 5.25
C ILE A 93 -18.76 2.93 6.45
N THR A 94 -19.52 3.01 7.54
CA THR A 94 -19.25 2.25 8.76
C THR A 94 -19.24 0.73 8.51
N LEU A 95 -20.26 0.26 7.81
CA LEU A 95 -20.34 -1.14 7.38
C LEU A 95 -19.08 -1.58 6.64
N ARG A 96 -18.60 -0.73 5.74
CA ARG A 96 -17.42 -1.03 4.93
C ARG A 96 -16.14 -1.05 5.76
N ARG A 97 -15.99 -0.07 6.64
CA ARG A 97 -14.84 -0.03 7.54
C ARG A 97 -14.75 -1.29 8.41
N TYR A 98 -15.86 -1.66 9.05
CA TYR A 98 -15.87 -2.84 9.94
C TYR A 98 -15.55 -4.11 9.16
N ALA A 99 -16.17 -4.26 7.99
CA ALA A 99 -15.88 -5.40 7.12
C ALA A 99 -14.42 -5.39 6.71
N GLY A 100 -13.90 -4.21 6.39
CA GLY A 100 -12.49 -4.06 6.00
C GLY A 100 -11.54 -4.38 7.15
N MET A 101 -11.90 -3.98 8.37
CA MET A 101 -11.09 -4.32 9.53
C MET A 101 -11.11 -5.83 9.79
N ALA A 102 -12.26 -6.47 9.61
CA ALA A 102 -12.35 -7.92 9.75
C ALA A 102 -11.44 -8.63 8.76
N LEU A 103 -11.46 -8.18 7.50
CA LEU A 103 -10.61 -8.75 6.45
C LEU A 103 -9.12 -8.49 6.67
N THR A 104 -8.78 -7.32 7.22
CA THR A 104 -7.41 -7.06 7.68
C THR A 104 -6.97 -8.14 8.71
N ASN A 105 -7.84 -8.39 9.70
CA ASN A 105 -7.55 -9.38 10.74
C ASN A 105 -7.45 -10.80 10.19
N LEU A 106 -8.36 -11.15 9.27
CA LEU A 106 -8.41 -12.49 8.69
C LEU A 106 -7.32 -12.76 7.66
N THR A 107 -6.68 -11.71 7.12
CA THR A 107 -5.54 -11.87 6.24
C THR A 107 -4.24 -11.95 7.04
N PHE A 108 -4.22 -11.34 8.23
CA PHE A 108 -3.01 -11.27 9.05
C PHE A 108 -2.39 -12.63 9.20
N GLY A 109 -1.21 -12.80 8.60
CA GLY A 109 -0.38 -13.99 8.80
C GLY A 109 -0.91 -15.27 8.20
N ASP A 110 -1.86 -15.16 7.28
CA ASP A 110 -2.57 -16.30 6.72
C ASP A 110 -2.51 -16.24 5.20
N VAL A 111 -1.59 -17.02 4.65
CA VAL A 111 -1.27 -16.99 3.23
C VAL A 111 -2.45 -17.51 2.38
N ALA A 112 -3.18 -18.51 2.90
CA ALA A 112 -4.39 -19.03 2.23
C ALA A 112 -5.52 -18.01 2.18
N ASN A 113 -5.79 -17.36 3.31
CA ASN A 113 -6.80 -16.27 3.34
C ASN A 113 -6.45 -15.14 2.40
N LYS A 114 -5.17 -14.81 2.30
CA LYS A 114 -4.70 -13.81 1.33
C LYS A 114 -4.98 -14.23 -0.11
N ALA A 115 -4.69 -15.48 -0.43
CA ALA A 115 -4.97 -16.02 -1.78
C ALA A 115 -6.46 -16.11 -2.06
N THR A 116 -7.22 -16.53 -1.04
CA THR A 116 -8.66 -16.63 -1.19
C THR A 116 -9.26 -15.25 -1.41
N LEU A 117 -8.84 -14.27 -0.61
CA LEU A 117 -9.34 -12.91 -0.84
C LEU A 117 -8.94 -12.39 -2.22
N CYS A 118 -7.68 -12.62 -2.61
CA CYS A 118 -7.20 -12.21 -3.94
C CYS A 118 -7.98 -12.89 -5.08
N SER A 119 -8.29 -14.19 -4.94
CA SER A 119 -9.08 -14.93 -5.94
C SER A 119 -10.50 -14.39 -6.13
N MET A 120 -11.06 -13.76 -5.09
CA MET A 120 -12.37 -13.09 -5.20
C MET A 120 -12.22 -11.74 -5.89
N LYS A 121 -12.22 -11.78 -7.22
CA LYS A 121 -11.78 -10.65 -8.06
C LYS A 121 -12.70 -9.43 -7.98
N GLY A 122 -14.00 -9.67 -7.91
CA GLY A 122 -14.96 -8.58 -7.78
C GLY A 122 -14.83 -7.82 -6.48
N CYS A 123 -14.48 -8.55 -5.42
CA CYS A 123 -14.20 -7.95 -4.14
C CYS A 123 -12.96 -7.07 -4.24
N MET A 124 -11.91 -7.60 -4.86
CA MET A 124 -10.66 -6.84 -5.04
C MET A 124 -10.91 -5.54 -5.77
N ARG A 125 -11.66 -5.61 -6.89
CA ARG A 125 -12.00 -4.43 -7.69
C ARG A 125 -12.75 -3.39 -6.88
N ALA A 126 -13.68 -3.87 -6.05
CA ALA A 126 -14.42 -2.99 -5.14
C ALA A 126 -13.50 -2.38 -4.07
N LEU A 127 -12.63 -3.20 -3.47
CA LEU A 127 -11.62 -2.69 -2.51
C LEU A 127 -10.80 -1.58 -3.13
N VAL A 128 -10.24 -1.84 -4.30
CA VAL A 128 -9.41 -0.84 -5.00
C VAL A 128 -10.16 0.47 -5.26
N ALA A 129 -11.42 0.35 -5.70
CA ALA A 129 -12.30 1.50 -5.95
C ALA A 129 -12.52 2.38 -4.73
N GLN A 130 -12.55 1.79 -3.53
CA GLN A 130 -12.77 2.54 -2.29
C GLN A 130 -11.65 3.48 -1.89
N LEU A 131 -10.48 3.41 -2.53
CA LEU A 131 -9.41 4.38 -2.25
C LEU A 131 -9.79 5.80 -2.68
N LYS A 132 -10.76 5.90 -3.58
CA LYS A 132 -11.36 7.17 -3.99
C LYS A 132 -12.42 7.71 -3.01
N SER A 133 -12.96 6.86 -2.14
CA SER A 133 -13.94 7.29 -1.12
C SER A 133 -13.46 8.52 -0.37
N GLU A 134 -14.39 9.41 -0.04
CA GLU A 134 -14.07 10.67 0.63
C GLU A 134 -13.80 10.48 2.14
N SER A 135 -14.19 9.33 2.68
CA SER A 135 -13.80 8.93 4.02
C SER A 135 -12.35 8.46 4.01
N GLU A 136 -11.48 9.24 4.64
CA GLU A 136 -10.10 8.82 4.86
C GLU A 136 -9.98 7.67 5.86
N ASP A 137 -10.93 7.57 6.78
CA ASP A 137 -11.00 6.43 7.67
C ASP A 137 -11.20 5.14 6.87
N LEU A 138 -12.10 5.17 5.89
CA LEU A 138 -12.31 4.03 5.00
C LEU A 138 -11.06 3.75 4.18
N GLN A 139 -10.45 4.81 3.63
CA GLN A 139 -9.19 4.70 2.89
C GLN A 139 -8.09 3.99 3.69
N GLN A 140 -7.94 4.35 4.96
CA GLN A 140 -6.91 3.74 5.82
C GLN A 140 -7.16 2.23 5.96
N VAL A 141 -8.42 1.86 6.14
CA VAL A 141 -8.83 0.46 6.30
C VAL A 141 -8.54 -0.36 5.04
N ILE A 142 -8.87 0.21 3.89
CA ILE A 142 -8.66 -0.44 2.59
C ILE A 142 -7.17 -0.60 2.28
N ALA A 143 -6.41 0.47 2.50
CA ALA A 143 -4.95 0.41 2.44
C ALA A 143 -4.33 -0.64 3.37
N SER A 144 -4.91 -0.82 4.56
CA SER A 144 -4.46 -1.85 5.50
C SER A 144 -4.71 -3.27 4.99
N VAL A 145 -5.80 -3.47 4.25
CA VAL A 145 -6.10 -4.78 3.65
C VAL A 145 -5.09 -5.06 2.53
N LEU A 146 -4.94 -4.11 1.62
CA LEU A 146 -4.01 -4.25 0.50
C LEU A 146 -2.57 -4.41 0.95
N ARG A 147 -2.22 -3.79 2.08
CA ARG A 147 -0.93 -4.00 2.74
C ARG A 147 -0.72 -5.45 3.18
N ASN A 148 -1.66 -5.99 3.96
CA ASN A 148 -1.57 -7.37 4.44
C ASN A 148 -1.54 -8.35 3.26
N LEU A 149 -2.40 -8.13 2.27
CA LEU A 149 -2.39 -8.95 1.03
C LEU A 149 -1.05 -8.94 0.27
N SER A 150 -0.31 -7.83 0.35
CA SER A 150 0.94 -7.64 -0.39
C SER A 150 2.20 -8.07 0.37
N TRP A 151 2.07 -8.40 1.65
CA TRP A 151 3.18 -8.89 2.45
C TRP A 151 3.23 -10.41 2.37
N ARG A 152 4.37 -10.95 1.92
CA ARG A 152 4.61 -12.40 1.87
C ARG A 152 3.49 -13.16 1.16
N ALA A 153 3.11 -12.61 0.01
CA ALA A 153 2.04 -13.16 -0.79
C ALA A 153 2.60 -14.22 -1.74
N ASP A 154 1.76 -15.18 -2.12
CA ASP A 154 2.11 -16.18 -3.16
C ASP A 154 2.05 -15.55 -4.55
N VAL A 155 2.49 -16.29 -5.57
CA VAL A 155 2.62 -15.73 -6.93
C VAL A 155 1.30 -15.23 -7.52
N ASN A 156 0.22 -15.97 -7.29
CA ASN A 156 -1.10 -15.57 -7.82
C ASN A 156 -1.67 -14.32 -7.15
N SER A 157 -1.49 -14.23 -5.84
CA SER A 157 -1.92 -13.06 -5.10
C SER A 157 -1.19 -11.80 -5.59
N LYS A 158 0.13 -11.89 -5.80
CA LYS A 158 0.92 -10.77 -6.33
C LYS A 158 0.45 -10.39 -7.72
N LYS A 159 0.25 -11.40 -8.57
CA LYS A 159 -0.33 -11.20 -9.90
C LYS A 159 -1.69 -10.50 -9.88
N THR A 160 -2.56 -10.91 -8.97
CA THR A 160 -3.89 -10.31 -8.86
C THR A 160 -3.80 -8.85 -8.41
N LEU A 161 -3.03 -8.59 -7.36
CA LEU A 161 -2.84 -7.20 -6.85
C LEU A 161 -2.38 -6.26 -7.97
N ARG A 162 -1.52 -6.77 -8.85
CA ARG A 162 -1.08 -6.03 -10.00
C ARG A 162 -2.21 -5.82 -11.01
N GLU A 163 -2.85 -6.92 -11.40
CA GLU A 163 -3.93 -6.90 -12.43
C GLU A 163 -5.08 -5.94 -12.13
N VAL A 164 -5.54 -5.91 -10.87
CA VAL A 164 -6.63 -5.02 -10.44
C VAL A 164 -6.20 -3.55 -10.30
N GLY A 165 -4.90 -3.27 -10.46
CA GLY A 165 -4.41 -1.90 -10.52
C GLY A 165 -4.28 -1.25 -9.17
N SER A 166 -3.94 -2.04 -8.16
CA SER A 166 -3.84 -1.56 -6.79
C SER A 166 -2.69 -0.58 -6.58
N VAL A 167 -1.60 -0.73 -7.36
CA VAL A 167 -0.42 0.12 -7.20
C VAL A 167 -0.71 1.55 -7.60
N LYS A 168 -1.24 1.74 -8.81
CA LYS A 168 -1.64 3.05 -9.32
C LYS A 168 -2.68 3.71 -8.41
N ALA A 169 -3.72 2.95 -8.05
CA ALA A 169 -4.77 3.46 -7.17
C ALA A 169 -4.20 3.95 -5.82
N LEU A 170 -3.30 3.18 -5.24
CA LEU A 170 -2.67 3.56 -3.97
C LEU A 170 -1.80 4.80 -4.11
N MET A 171 -1.05 4.90 -5.21
CA MET A 171 -0.16 6.04 -5.42
C MET A 171 -0.97 7.32 -5.64
N GLU A 172 -2.00 7.24 -6.48
CA GLU A 172 -2.96 8.35 -6.65
C GLU A 172 -3.66 8.70 -5.35
N CYS A 173 -4.06 7.69 -4.58
CA CYS A 173 -4.64 7.94 -3.25
C CYS A 173 -3.66 8.73 -2.36
N ALA A 174 -2.43 8.24 -2.24
CA ALA A 174 -1.38 8.91 -1.44
C ALA A 174 -1.25 10.42 -1.71
N LEU A 175 -1.36 10.82 -2.98
CA LEU A 175 -1.27 12.23 -3.40
C LEU A 175 -2.34 13.14 -2.79
N GLU A 176 -3.52 12.57 -2.48
CA GLU A 176 -4.63 13.35 -1.92
C GLU A 176 -4.83 13.25 -0.40
N VAL A 177 -4.19 12.31 0.27
CA VAL A 177 -4.47 12.10 1.70
C VAL A 177 -4.03 13.30 2.52
N LYS A 178 -4.86 13.68 3.50
CA LYS A 178 -4.55 14.76 4.42
C LYS A 178 -3.92 14.19 5.68
N LYS A 179 -4.57 13.20 6.28
CA LYS A 179 -4.17 12.69 7.58
C LYS A 179 -2.95 11.77 7.48
N GLU A 180 -2.05 11.94 8.44
CA GLU A 180 -0.85 11.12 8.59
C GLU A 180 -1.19 9.64 8.84
N SER A 181 -2.33 9.38 9.48
CA SER A 181 -2.75 8.00 9.76
C SER A 181 -3.09 7.27 8.46
N THR A 182 -3.83 7.91 7.57
CA THR A 182 -4.13 7.31 6.26
C THR A 182 -2.88 7.12 5.41
N LEU A 183 -2.03 8.14 5.39
CA LEU A 183 -0.81 8.10 4.58
C LEU A 183 0.13 6.97 5.00
N LYS A 184 0.24 6.76 6.32
CA LYS A 184 1.02 5.68 6.89
C LYS A 184 0.61 4.32 6.29
N SER A 185 -0.69 4.04 6.28
CA SER A 185 -1.19 2.75 5.78
C SER A 185 -1.09 2.65 4.27
N VAL A 186 -1.32 3.76 3.57
CA VAL A 186 -1.19 3.80 2.11
C VAL A 186 0.26 3.54 1.67
N LEU A 187 1.23 4.17 2.32
CA LEU A 187 2.64 4.00 1.97
C LEU A 187 3.20 2.64 2.40
N SER A 188 2.69 2.04 3.49
CA SER A 188 3.08 0.67 3.87
C SER A 188 2.70 -0.33 2.79
N ALA A 189 1.49 -0.17 2.25
CA ALA A 189 1.00 -1.01 1.18
C ALA A 189 1.86 -0.84 -0.07
N LEU A 190 2.14 0.41 -0.43
CA LEU A 190 3.00 0.70 -1.59
C LEU A 190 4.42 0.16 -1.45
N TRP A 191 4.97 0.23 -0.24
CA TRP A 191 6.32 -0.26 0.02
C TRP A 191 6.38 -1.79 -0.15
N ASN A 192 5.35 -2.48 0.32
CA ASN A 192 5.16 -3.92 0.06
C ASN A 192 5.06 -4.21 -1.46
N LEU A 193 4.17 -3.50 -2.14
CA LEU A 193 3.91 -3.73 -3.57
C LEU A 193 5.10 -3.38 -4.47
N SER A 194 5.86 -2.35 -4.10
CA SER A 194 7.02 -1.90 -4.87
C SER A 194 8.17 -2.92 -4.95
N ALA A 195 8.29 -3.78 -3.95
CA ALA A 195 9.25 -4.88 -3.97
C ALA A 195 8.89 -6.09 -4.84
N HIS A 196 7.63 -6.24 -5.29
CA HIS A 196 7.19 -7.51 -5.92
C HIS A 196 7.84 -7.77 -7.27
N CYS A 197 7.89 -6.73 -8.11
CA CYS A 197 8.37 -6.86 -9.47
C CYS A 197 8.64 -5.50 -10.10
N THR A 198 9.26 -5.53 -11.27
CA THR A 198 9.61 -4.32 -12.03
C THR A 198 8.39 -3.54 -12.54
N GLU A 199 7.30 -4.23 -12.88
CA GLU A 199 6.09 -3.56 -13.38
C GLU A 199 5.40 -2.71 -12.31
N ASN A 200 5.44 -3.15 -11.05
CA ASN A 200 4.91 -2.35 -9.93
C ASN A 200 5.73 -1.07 -9.72
N LYS A 201 7.05 -1.22 -9.81
CA LYS A 201 7.98 -0.10 -9.70
C LYS A 201 7.71 0.93 -10.79
N ALA A 202 7.55 0.44 -12.02
CA ALA A 202 7.26 1.29 -13.18
C ALA A 202 5.92 2.00 -13.08
N ASP A 203 4.91 1.29 -12.56
CA ASP A 203 3.60 1.91 -12.34
C ASP A 203 3.64 3.02 -11.28
N ILE A 204 4.45 2.87 -10.23
CA ILE A 204 4.61 3.96 -9.25
C ILE A 204 5.22 5.20 -9.94
N CYS A 205 6.32 4.98 -10.67
CA CYS A 205 7.00 6.08 -11.36
C CYS A 205 6.14 6.75 -12.42
N ALA A 206 5.23 5.99 -13.03
CA ALA A 206 4.37 6.48 -14.12
C ALA A 206 3.18 7.34 -13.70
N VAL A 207 2.95 7.55 -12.40
CA VAL A 207 1.88 8.45 -11.93
C VAL A 207 2.41 9.88 -11.80
N ASP A 208 1.66 10.85 -12.34
CA ASP A 208 2.10 12.25 -12.39
C ASP A 208 2.17 12.86 -10.99
N GLY A 209 3.34 13.40 -10.66
CA GLY A 209 3.59 13.98 -9.33
C GLY A 209 4.05 12.99 -8.27
N ALA A 210 4.04 11.69 -8.60
CA ALA A 210 4.35 10.63 -7.61
C ALA A 210 5.80 10.71 -7.15
N LEU A 211 6.72 10.77 -8.10
CA LEU A 211 8.15 10.85 -7.74
C LEU A 211 8.47 12.09 -6.91
N ALA A 212 7.91 13.24 -7.30
CA ALA A 212 8.09 14.47 -6.53
C ALA A 212 7.46 14.35 -5.14
N PHE A 213 6.30 13.69 -5.07
CA PHE A 213 5.64 13.42 -3.79
C PHE A 213 6.51 12.52 -2.90
N LEU A 214 7.08 11.47 -3.49
CA LEU A 214 7.97 10.57 -2.76
C LEU A 214 9.23 11.26 -2.25
N VAL A 215 9.86 12.09 -3.08
CA VAL A 215 10.99 12.88 -2.61
C VAL A 215 10.58 13.79 -1.45
N GLY A 216 9.37 14.37 -1.53
CA GLY A 216 8.82 15.18 -0.42
C GLY A 216 8.64 14.42 0.88
N THR A 217 8.30 13.13 0.82
CA THR A 217 8.19 12.33 2.05
C THR A 217 9.50 12.19 2.81
N LEU A 218 10.62 12.36 2.11
CA LEU A 218 11.95 12.32 2.73
C LEU A 218 12.16 13.40 3.81
N THR A 219 11.47 14.53 3.68
CA THR A 219 11.49 15.61 4.68
C THR A 219 10.10 15.90 5.27
N TYR A 220 9.27 14.85 5.40
CA TYR A 220 7.97 14.94 6.07
C TYR A 220 8.14 15.36 7.53
N ARG A 221 7.26 16.26 8.00
CA ARG A 221 7.27 16.73 9.39
C ARG A 221 6.10 16.08 10.14
N SER A 222 6.40 15.00 10.87
CA SER A 222 5.36 14.26 11.61
C SER A 222 4.86 15.04 12.82
N GLN A 223 3.55 15.18 12.94
CA GLN A 223 2.93 15.68 14.16
C GLN A 223 3.01 14.63 15.28
N THR A 224 2.92 13.35 14.91
CA THR A 224 2.90 12.25 15.87
C THR A 224 4.28 11.79 16.33
N ASN A 225 5.34 12.56 16.05
CA ASN A 225 6.70 12.26 16.54
C ASN A 225 7.10 10.82 16.21
N THR A 226 6.98 10.48 14.94
CA THR A 226 7.44 9.18 14.41
C THR A 226 8.10 9.43 13.05
N LEU A 227 8.88 8.45 12.62
CA LEU A 227 9.62 8.55 11.37
C LEU A 227 9.01 7.65 10.29
N ALA A 228 7.80 7.15 10.52
CA ALA A 228 7.18 6.13 9.67
C ALA A 228 7.02 6.58 8.23
N ILE A 229 6.66 7.84 8.04
CA ILE A 229 6.42 8.38 6.69
C ILE A 229 7.74 8.54 5.94
N ILE A 230 8.78 9.03 6.61
CA ILE A 230 10.09 9.17 5.96
C ILE A 230 10.64 7.77 5.60
N GLU A 231 10.49 6.84 6.54
CA GLU A 231 10.93 5.46 6.35
C GLU A 231 10.26 4.77 5.18
N SER A 232 8.94 4.80 5.14
CA SER A 232 8.17 4.13 4.07
C SER A 232 8.26 4.83 2.71
N GLY A 233 8.19 6.16 2.71
CA GLY A 233 8.37 6.92 1.47
C GLY A 233 9.78 6.77 0.90
N GLY A 234 10.78 6.82 1.78
CA GLY A 234 12.16 6.55 1.41
C GLY A 234 12.40 5.11 0.98
N GLY A 235 11.65 4.17 1.54
CA GLY A 235 11.72 2.75 1.14
C GLY A 235 11.17 2.49 -0.26
N ILE A 236 10.02 3.07 -0.56
CA ILE A 236 9.44 3.01 -1.89
C ILE A 236 10.43 3.57 -2.92
N LEU A 237 10.97 4.75 -2.62
CA LEU A 237 11.93 5.41 -3.51
C LEU A 237 13.14 4.51 -3.79
N ARG A 238 13.68 3.94 -2.73
CA ARG A 238 14.77 2.97 -2.83
C ARG A 238 14.42 1.81 -3.76
N ASN A 239 13.26 1.23 -3.59
CA ASN A 239 12.83 0.12 -4.46
C ASN A 239 12.61 0.53 -5.91
N VAL A 240 12.05 1.72 -6.14
CA VAL A 240 11.85 2.19 -7.53
C VAL A 240 13.09 2.84 -8.16
N SER A 241 14.09 3.19 -7.36
CA SER A 241 15.32 3.84 -7.88
C SER A 241 16.11 3.02 -8.89
N SER A 242 15.96 1.70 -8.87
CA SER A 242 16.61 0.84 -9.87
C SER A 242 16.14 1.20 -11.27
N LEU A 243 14.84 1.48 -11.42
CA LEU A 243 14.30 1.93 -12.70
C LEU A 243 14.53 3.41 -12.98
N ILE A 244 14.51 4.26 -11.93
CA ILE A 244 14.74 5.71 -12.11
C ILE A 244 16.12 5.95 -12.67
N ALA A 245 17.10 5.15 -12.20
CA ALA A 245 18.48 5.20 -12.70
C ALA A 245 18.63 5.13 -14.24
N THR A 246 17.66 4.51 -14.90
CA THR A 246 17.67 4.31 -16.34
C THR A 246 16.87 5.38 -17.11
N ASN A 247 16.23 6.30 -16.37
CA ASN A 247 15.28 7.25 -16.94
C ASN A 247 15.72 8.68 -16.60
N GLU A 248 16.28 9.37 -17.59
CA GLU A 248 16.81 10.74 -17.41
C GLU A 248 15.73 11.73 -16.99
N ASP A 249 14.52 11.56 -17.52
CA ASP A 249 13.37 12.39 -17.11
C ASP A 249 13.07 12.23 -15.61
N HIS A 250 13.04 10.99 -15.12
CA HIS A 250 12.77 10.71 -13.72
C HIS A 250 13.89 11.19 -12.81
N ARG A 251 15.14 10.98 -13.21
CA ARG A 251 16.26 11.57 -12.48
C ARG A 251 16.10 13.10 -12.37
N GLN A 252 15.67 13.74 -13.46
CA GLN A 252 15.50 15.18 -13.49
C GLN A 252 14.43 15.66 -12.51
N ILE A 253 13.33 14.89 -12.39
CA ILE A 253 12.32 15.14 -11.35
C ILE A 253 12.95 15.07 -9.95
N LEU A 254 13.80 14.07 -9.73
CA LEU A 254 14.54 13.96 -8.45
C LEU A 254 15.47 15.16 -8.22
N ARG A 255 16.18 15.58 -9.26
CA ARG A 255 17.01 16.79 -9.20
C ARG A 255 16.17 18.03 -8.90
N GLU A 256 15.05 18.18 -9.60
CA GLU A 256 14.08 19.27 -9.31
C GLU A 256 13.80 19.41 -7.81
N ASN A 257 13.72 18.29 -7.10
CA ASN A 257 13.30 18.25 -5.70
C ASN A 257 14.42 18.01 -4.71
N ASN A 258 15.66 18.30 -5.13
CA ASN A 258 16.87 18.17 -4.31
C ASN A 258 17.05 16.79 -3.69
N CYS A 259 16.73 15.75 -4.44
CA CYS A 259 16.72 14.39 -3.88
C CYS A 259 18.08 13.95 -3.34
N LEU A 260 19.11 14.05 -4.20
CA LEU A 260 20.46 13.60 -3.84
C LEU A 260 20.99 14.26 -2.59
N GLN A 261 20.75 15.57 -2.48
CA GLN A 261 21.17 16.35 -1.32
C GLN A 261 20.54 15.80 -0.03
N THR A 262 19.22 15.62 -0.03
CA THR A 262 18.49 15.08 1.11
C THR A 262 18.96 13.67 1.47
N LEU A 263 19.18 12.84 0.46
CA LEU A 263 19.70 11.47 0.68
C LEU A 263 21.06 11.45 1.38
N LEU A 264 21.92 12.42 1.06
CA LEU A 264 23.19 12.54 1.79
C LEU A 264 22.99 12.98 3.27
N GLN A 265 22.01 13.85 3.53
CA GLN A 265 21.65 14.18 4.92
C GLN A 265 21.16 12.94 5.68
N HIS A 266 20.34 12.14 5.00
CA HIS A 266 19.87 10.86 5.56
C HIS A 266 21.00 9.89 5.95
N LEU A 267 22.16 9.98 5.31
CA LEU A 267 23.31 9.14 5.70
C LEU A 267 23.77 9.33 7.16
N LYS A 268 23.48 10.48 7.75
CA LYS A 268 23.83 10.76 9.15
C LYS A 268 22.63 10.68 10.12
N SER A 269 21.57 10.01 9.69
CA SER A 269 20.41 9.77 10.55
C SER A 269 20.75 8.73 11.60
N HIS A 270 19.99 8.74 12.69
CA HIS A 270 20.09 7.71 13.72
C HIS A 270 19.11 6.57 13.49
N SER A 271 18.07 6.82 12.68
CA SER A 271 17.19 5.74 12.18
C SER A 271 17.95 4.88 11.17
N LEU A 272 18.12 3.61 11.51
CA LEU A 272 18.81 2.65 10.65
C LEU A 272 18.11 2.42 9.31
N THR A 273 16.77 2.40 9.32
CA THR A 273 15.98 2.26 8.11
C THR A 273 16.20 3.44 7.14
N ILE A 274 16.23 4.66 7.67
CA ILE A 274 16.48 5.85 6.87
C ILE A 274 17.87 5.79 6.20
N VAL A 275 18.88 5.45 7.00
CA VAL A 275 20.25 5.32 6.49
C VAL A 275 20.32 4.23 5.42
N SER A 276 19.71 3.07 5.69
CA SER A 276 19.76 1.95 4.78
C SER A 276 19.03 2.25 3.46
N ASN A 277 17.84 2.83 3.56
CA ASN A 277 17.08 3.27 2.38
C ASN A 277 17.90 4.23 1.50
N ALA A 278 18.58 5.19 2.12
CA ALA A 278 19.39 6.18 1.40
C ALA A 278 20.61 5.54 0.72
N CYS A 279 21.34 4.70 1.46
CA CYS A 279 22.43 3.90 0.87
C CYS A 279 21.96 3.16 -0.39
N GLY A 280 20.79 2.52 -0.30
CA GLY A 280 20.22 1.74 -1.38
C GLY A 280 19.84 2.58 -2.58
N THR A 281 19.23 3.74 -2.33
CA THR A 281 18.86 4.65 -3.40
C THR A 281 20.12 5.19 -4.06
N LEU A 282 21.08 5.60 -3.24
CA LEU A 282 22.35 6.13 -3.73
C LEU A 282 23.18 5.11 -4.51
N TRP A 283 23.15 3.85 -4.10
CA TRP A 283 23.73 2.75 -4.88
C TRP A 283 23.20 2.82 -6.32
N ASN A 284 21.89 2.85 -6.49
CA ASN A 284 21.29 2.86 -7.84
C ASN A 284 21.51 4.13 -8.64
N LEU A 285 21.35 5.28 -8.00
CA LEU A 285 21.52 6.57 -8.70
C LEU A 285 22.99 6.90 -8.99
N SER A 286 23.93 6.32 -8.23
CA SER A 286 25.37 6.56 -8.49
C SER A 286 25.89 5.85 -9.75
N ALA A 287 25.14 4.91 -10.31
CA ALA A 287 25.53 4.17 -11.50
C ALA A 287 25.03 4.82 -12.78
N ARG A 288 25.78 4.66 -13.87
CA ARG A 288 25.32 4.94 -15.24
C ARG A 288 25.06 6.43 -15.58
N ASN A 289 25.45 7.38 -14.73
CA ASN A 289 25.02 8.78 -14.93
C ASN A 289 26.04 9.80 -14.46
N PRO A 290 26.90 10.28 -15.39
CA PRO A 290 27.93 11.25 -15.07
C PRO A 290 27.44 12.51 -14.35
N LYS A 291 26.27 13.01 -14.71
CA LYS A 291 25.74 14.22 -14.08
C LYS A 291 25.52 14.04 -12.58
N ASP A 292 24.87 12.95 -12.18
CA ASP A 292 24.57 12.68 -10.75
C ASP A 292 25.80 12.23 -9.98
N GLN A 293 26.69 11.51 -10.64
CA GLN A 293 27.99 11.15 -10.08
C GLN A 293 28.79 12.37 -9.70
N GLU A 294 28.80 13.35 -10.59
CA GLU A 294 29.53 14.59 -10.35
C GLU A 294 28.92 15.40 -9.23
N ALA A 295 27.59 15.47 -9.21
CA ALA A 295 26.86 16.17 -8.15
C ALA A 295 27.15 15.54 -6.78
N LEU A 296 27.18 14.20 -6.72
CA LEU A 296 27.51 13.51 -5.46
C LEU A 296 28.94 13.79 -4.99
N TRP A 297 29.90 13.73 -5.91
CA TRP A 297 31.28 14.14 -5.62
C TRP A 297 31.32 15.57 -5.10
N ASP A 298 30.63 16.49 -5.78
CA ASP A 298 30.62 17.90 -5.40
C ASP A 298 30.03 18.12 -4.03
N MET A 299 29.02 17.30 -3.67
CA MET A 299 28.33 17.43 -2.39
C MET A 299 28.98 16.60 -1.26
N GLY A 300 30.20 16.11 -1.46
CA GLY A 300 30.93 15.41 -0.41
C GLY A 300 30.48 13.99 -0.13
N ALA A 301 29.83 13.35 -1.10
CA ALA A 301 29.26 12.01 -0.92
C ALA A 301 30.29 10.94 -0.61
N VAL A 302 31.46 11.07 -1.24
CA VAL A 302 32.54 10.08 -1.12
C VAL A 302 32.91 9.88 0.34
N SER A 303 33.20 10.98 1.03
CA SER A 303 33.54 10.92 2.46
C SER A 303 32.38 10.43 3.32
N MET A 304 31.16 10.85 3.00
CA MET A 304 29.97 10.47 3.77
C MET A 304 29.66 8.97 3.67
N LEU A 305 29.78 8.43 2.46
CA LEU A 305 29.65 6.99 2.24
C LEU A 305 30.79 6.17 2.85
N LYS A 306 32.00 6.73 2.87
CA LYS A 306 33.16 6.07 3.44
C LYS A 306 32.98 5.87 4.95
N ASN A 307 32.26 6.78 5.62
CA ASN A 307 31.98 6.65 7.07
C ASN A 307 31.03 5.52 7.44
N LEU A 308 30.34 4.93 6.45
CA LEU A 308 29.38 3.85 6.71
C LEU A 308 29.82 2.46 6.23
N ILE A 309 30.99 2.33 5.58
CA ILE A 309 31.41 1.03 5.06
C ILE A 309 31.72 0.00 6.16
N HIS A 310 32.04 0.48 7.36
CA HIS A 310 32.28 -0.42 8.52
C HIS A 310 31.11 -0.52 9.47
N SER A 311 29.90 -0.25 8.97
CA SER A 311 28.69 -0.40 9.77
C SER A 311 28.44 -1.86 10.08
N LYS A 312 27.96 -2.11 11.30
CA LYS A 312 27.52 -3.43 11.74
C LYS A 312 26.23 -3.86 11.03
N HIS A 313 25.39 -2.89 10.64
CA HIS A 313 24.19 -3.14 9.82
C HIS A 313 24.68 -3.49 8.41
N LYS A 314 24.23 -4.63 7.90
CA LYS A 314 24.86 -5.21 6.70
C LYS A 314 24.43 -4.50 5.41
N MET A 315 23.15 -4.13 5.30
CA MET A 315 22.66 -3.37 4.14
C MET A 315 23.27 -1.96 4.03
N ILE A 316 23.62 -1.35 5.16
CA ILE A 316 24.27 -0.05 5.17
C ILE A 316 25.71 -0.21 4.68
N ALA A 317 26.41 -1.19 5.23
CA ALA A 317 27.79 -1.50 4.87
C ALA A 317 27.92 -1.86 3.38
N MET A 318 27.03 -2.73 2.91
CA MET A 318 27.02 -3.13 1.51
C MET A 318 26.62 -1.95 0.61
N GLY A 319 25.50 -1.31 0.93
CA GLY A 319 24.99 -0.18 0.16
C GLY A 319 25.95 0.99 0.06
N SER A 320 26.56 1.36 1.17
CA SER A 320 27.50 2.50 1.19
C SER A 320 28.76 2.19 0.40
N ALA A 321 29.25 0.94 0.53
CA ALA A 321 30.44 0.51 -0.18
C ALA A 321 30.20 0.43 -1.70
N ALA A 322 29.05 -0.09 -2.11
CA ALA A 322 28.72 -0.19 -3.53
C ALA A 322 28.55 1.19 -4.20
N ALA A 323 27.92 2.11 -3.47
CA ALA A 323 27.79 3.50 -3.92
C ALA A 323 29.15 4.19 -3.99
N LEU A 324 29.95 4.03 -2.92
CA LEU A 324 31.31 4.54 -2.91
C LEU A 324 32.11 4.05 -4.12
N ARG A 325 31.99 2.75 -4.41
CA ARG A 325 32.70 2.15 -5.54
C ARG A 325 32.30 2.79 -6.88
N ASN A 326 31.00 3.02 -7.08
CA ASN A 326 30.49 3.70 -8.28
C ASN A 326 31.03 5.12 -8.48
N LEU A 327 31.22 5.85 -7.39
CA LEU A 327 31.80 7.19 -7.47
C LEU A 327 33.32 7.16 -7.68
N MET A 328 34.01 6.25 -6.99
CA MET A 328 35.47 6.12 -7.15
C MET A 328 35.83 5.66 -8.58
N ALA A 329 35.03 4.76 -9.13
CA ALA A 329 35.23 4.25 -10.50
C ALA A 329 34.96 5.27 -11.60
N ASN A 330 34.18 6.32 -11.29
CA ASN A 330 33.79 7.34 -12.26
C ASN A 330 34.03 8.72 -11.66
N ARG A 331 35.31 9.10 -11.54
CA ARG A 331 35.67 10.47 -11.20
C ARG A 331 35.26 11.37 -12.37
N PRO A 332 34.74 12.57 -12.06
CA PRO A 332 34.55 13.56 -13.13
C PRO A 332 35.88 14.10 -13.64
N ALA A 333 35.83 14.76 -14.80
CA ALA A 333 37.02 15.34 -15.44
C ALA A 333 37.77 16.32 -14.54
N LYS A 334 37.04 17.17 -13.81
CA LYS A 334 37.67 18.12 -12.88
C LYS A 334 38.35 17.48 -11.66
N TYR A 335 38.06 16.20 -11.40
CA TYR A 335 38.78 15.41 -10.42
C TYR A 335 39.85 14.56 -11.11
N LYS A 336 40.75 13.96 -10.32
CA LYS A 336 41.92 13.24 -10.83
C LYS A 336 42.16 11.97 -10.01
#